data_4Z34
#
_entry.id   4Z34
#
_cell.length_a   34.280
_cell.length_b   112.150
_cell.length_c   154.630
_cell.angle_alpha   90.00
_cell.angle_beta   90.00
_cell.angle_gamma   90.00
#
_symmetry.space_group_name_H-M   'P 21 21 21'
#
loop_
_entity.id
_entity.type
_entity.pdbx_description
1 polymer 'Lysophosphatidic acid receptor 1, Soluble cytochrome b562'
2 non-polymer '{1-[(2S,3S)-2-(2,3-dihydro-1H-inden-2-ylmethyl)-3-(3,5-dimethoxy-4-methylphenyl)-3-hydroxypropyl]-4-(methoxycarbonyl)-1 H-pyrrol-3-yl}acetic acid'
3 non-polymer '(2S)-2,3-dihydroxypropyl (7Z)-tetradec-7-enoate'
#
_entity_poly.entity_id   1
_entity_poly.type   'polypeptide(L)'
_entity_poly.pdbx_seq_one_letter_code
;MKTIIALSYIFCLVFAGAPAAISTSIPVISQPQFTAMNEPQCFYNESIAFFYNRSGKHLATEWNTVSKLVMGLGITVCIF
IMLANLLVMVAIYVNRRFHFPIYYLMANLAAADFFAGLAYFYLMFNTGPNTRRLTVSTWLLRQGLIDTSLTASVANLLAI
AIERHITVFRMQLHTRMSNRRVVVVIVVIWTMAIVMGAIPSVGWNCICDIENCSNMAPLYSDSYLVFWAIFNLVTFVVMV
VLYAHIFGYVADLEDNWETLNDNLKVIEKADNAAQVKDALTKMRAAALDAQKATPPKLEDKSPDSPEMKDFRHGFDILVG
QIDDALKLANEGKVKEAQAAAEQLKTTRNAYIQKYLRNRDTMMSLLKTVVIVLGAFIICWTPGLVLLLLDVCCPQCDVLA
YEKFFLLLAEFNSAMNPIIYSYRDKEMSATFRQILGRPLEVLFQGPHHHHHHHHHHDYKDDDDK
;
_entity_poly.pdbx_strand_id   A
#
loop_
_chem_comp.id
_chem_comp.type
_chem_comp.name
_chem_comp.formula
1WV non-polymer '(2S)-2,3-dihydroxypropyl (7Z)-tetradec-7-enoate' 'C17 H32 O4'
ON7 non-polymer '{1-[(2S,3S)-2-(2,3-dihydro-1H-inden-2-ylmethyl)-3-(3,5-dimethoxy-4-methylphenyl)-3-hydroxypropyl]-4-(methoxycarbonyl)-1 H-pyrrol-3-yl}acetic acid' 'C30 H35 N O7'
#
# COMPACT_ATOMS: atom_id res chain seq x y z
N ASN A 38 -41.41 -18.50 25.64
CA ASN A 38 -40.96 -17.17 25.26
C ASN A 38 -39.43 -17.11 25.19
N GLU A 39 -38.89 -16.11 24.45
CA GLU A 39 -37.45 -15.91 24.26
C GLU A 39 -37.05 -14.43 24.52
N PRO A 40 -35.82 -14.14 25.02
CA PRO A 40 -35.42 -12.73 25.19
C PRO A 40 -35.20 -12.05 23.84
N GLN A 41 -35.12 -10.71 23.82
CA GLN A 41 -34.99 -9.94 22.58
C GLN A 41 -33.59 -9.98 21.96
N CYS A 42 -33.59 -10.06 20.62
CA CYS A 42 -32.41 -10.00 19.75
C CYS A 42 -31.96 -8.52 19.60
N PHE A 43 -32.23 -7.66 20.61
CA PHE A 43 -31.97 -6.20 20.60
C PHE A 43 -31.98 -5.55 22.01
N TYR A 44 -31.80 -6.33 23.10
CA TYR A 44 -31.82 -5.81 24.48
C TYR A 44 -30.44 -5.24 24.88
N ASN A 45 -30.39 -4.45 25.97
CA ASN A 45 -29.17 -3.83 26.52
C ASN A 45 -28.38 -4.83 27.36
N GLU A 46 -29.10 -5.76 28.01
CA GLU A 46 -28.55 -6.84 28.84
C GLU A 46 -28.08 -7.98 27.94
N SER A 47 -28.42 -7.85 26.63
CA SER A 47 -28.08 -8.79 25.60
C SER A 47 -26.57 -8.86 25.39
N ILE A 48 -25.71 -7.83 25.73
CA ILE A 48 -24.24 -8.01 25.51
C ILE A 48 -23.78 -9.20 26.38
N ALA A 49 -24.28 -9.31 27.61
CA ALA A 49 -23.93 -10.37 28.56
C ALA A 49 -24.31 -11.77 28.08
N PHE A 50 -25.45 -11.92 27.35
CA PHE A 50 -25.85 -13.26 26.91
C PHE A 50 -25.03 -13.69 25.67
N PHE A 51 -24.55 -12.78 24.81
CA PHE A 51 -23.68 -13.15 23.69
C PHE A 51 -22.24 -13.43 24.17
N TYR A 52 -21.71 -12.59 25.07
CA TYR A 52 -20.36 -12.67 25.63
C TYR A 52 -20.15 -13.87 26.55
N ASN A 53 -21.22 -14.34 27.25
CA ASN A 53 -21.10 -15.47 28.17
C ASN A 53 -21.08 -16.80 27.40
N ARG A 54 -21.90 -16.92 26.33
CA ARG A 54 -22.01 -18.14 25.52
C ARG A 54 -20.68 -18.49 24.85
N SER A 55 -19.99 -17.47 24.28
CA SER A 55 -18.70 -17.63 23.65
C SER A 55 -17.56 -17.46 24.69
N GLY A 56 -16.39 -17.98 24.37
CA GLY A 56 -15.22 -17.90 25.23
C GLY A 56 -14.60 -16.51 25.23
N LYS A 57 -15.31 -15.53 25.82
CA LYS A 57 -14.90 -14.13 25.90
C LYS A 57 -15.26 -13.51 27.27
N HIS A 58 -14.48 -12.48 27.71
CA HIS A 58 -14.54 -11.74 28.98
C HIS A 58 -15.80 -10.88 29.17
N LEU A 59 -16.21 -10.69 30.45
CA LEU A 59 -17.29 -9.78 30.84
C LEU A 59 -16.96 -9.23 32.25
N ALA A 60 -16.37 -8.04 32.29
CA ALA A 60 -15.92 -7.43 33.53
C ALA A 60 -16.93 -6.42 34.07
N THR A 61 -16.94 -6.26 35.41
CA THR A 61 -17.81 -5.38 36.21
C THR A 61 -16.99 -4.25 36.84
N GLU A 62 -15.76 -4.59 37.28
CA GLU A 62 -14.90 -3.60 37.93
C GLU A 62 -13.71 -3.27 37.02
N TRP A 63 -13.05 -2.18 37.37
CA TRP A 63 -11.96 -1.56 36.65
C TRP A 63 -10.62 -2.26 36.98
N ASN A 64 -10.11 -3.06 36.03
CA ASN A 64 -8.83 -3.78 36.14
C ASN A 64 -7.63 -2.83 35.95
N THR A 65 -6.42 -3.26 36.38
CA THR A 65 -5.17 -2.48 36.30
C THR A 65 -4.67 -2.43 34.83
N VAL A 66 -4.69 -3.55 34.10
CA VAL A 66 -4.22 -3.59 32.71
C VAL A 66 -5.28 -2.94 31.76
N SER A 67 -6.58 -2.96 32.17
CA SER A 67 -7.69 -2.36 31.40
C SER A 67 -7.57 -0.83 31.35
N LYS A 68 -7.03 -0.23 32.43
CA LYS A 68 -6.79 1.21 32.56
C LYS A 68 -5.63 1.65 31.69
N LEU A 69 -4.60 0.80 31.57
CA LEU A 69 -3.41 1.10 30.79
C LEU A 69 -3.67 0.91 29.29
N VAL A 70 -4.47 -0.12 28.89
CA VAL A 70 -4.82 -0.37 27.48
C VAL A 70 -5.69 0.81 26.95
N MET A 71 -6.56 1.35 27.83
CA MET A 71 -7.40 2.50 27.52
C MET A 71 -6.56 3.79 27.49
N GLY A 72 -5.70 3.94 28.49
CA GLY A 72 -4.80 5.07 28.65
C GLY A 72 -3.86 5.23 27.48
N LEU A 73 -3.23 4.13 27.05
CA LEU A 73 -2.29 4.10 25.92
C LEU A 73 -3.06 4.24 24.62
N GLY A 74 -4.25 3.63 24.55
CA GLY A 74 -5.16 3.65 23.40
C GLY A 74 -5.60 5.04 22.98
N ILE A 75 -6.03 5.87 23.96
CA ILE A 75 -6.47 7.25 23.74
C ILE A 75 -5.25 8.13 23.36
N THR A 76 -4.10 7.98 24.07
CA THR A 76 -2.85 8.72 23.82
C THR A 76 -2.39 8.54 22.36
N VAL A 77 -2.48 7.30 21.83
CA VAL A 77 -2.11 6.97 20.45
C VAL A 77 -3.16 7.61 19.50
N CYS A 78 -4.46 7.51 19.84
CA CYS A 78 -5.59 8.06 19.07
C CYS A 78 -5.45 9.57 18.85
N ILE A 79 -5.08 10.33 19.91
CA ILE A 79 -4.91 11.78 19.83
C ILE A 79 -3.74 12.09 18.88
N PHE A 80 -2.65 11.32 18.95
CA PHE A 80 -1.47 11.47 18.09
C PHE A 80 -1.82 11.20 16.61
N ILE A 81 -2.66 10.18 16.34
CA ILE A 81 -3.11 9.82 14.99
C ILE A 81 -3.92 10.99 14.40
N MET A 82 -4.81 11.58 15.21
CA MET A 82 -5.69 12.70 14.83
C MET A 82 -4.90 14.02 14.66
N LEU A 83 -3.61 14.04 15.06
CA LEU A 83 -2.76 15.22 14.96
C LEU A 83 -1.70 15.06 13.86
N ALA A 84 -1.02 13.89 13.79
CA ALA A 84 0.03 13.60 12.81
C ALA A 84 -0.53 13.45 11.38
N ASN A 85 -1.69 12.78 11.23
CA ASN A 85 -2.33 12.58 9.93
C ASN A 85 -3.04 13.86 9.48
N LEU A 86 -3.40 14.74 10.42
CA LEU A 86 -4.03 16.03 10.11
C LEU A 86 -2.96 16.99 9.56
N LEU A 87 -1.73 16.91 10.13
CA LEU A 87 -0.55 17.70 9.74
C LEU A 87 -0.13 17.45 8.30
N VAL A 88 -0.12 16.16 7.88
CA VAL A 88 0.29 15.76 6.53
C VAL A 88 -0.82 16.12 5.51
N MET A 89 -2.11 16.15 5.94
CA MET A 89 -3.23 16.50 5.09
C MET A 89 -3.21 17.97 4.72
N VAL A 90 -2.79 18.83 5.67
CA VAL A 90 -2.68 20.28 5.48
C VAL A 90 -1.43 20.55 4.61
N ALA A 91 -0.34 19.79 4.84
CA ALA A 91 0.95 19.88 4.13
C ALA A 91 0.79 19.69 2.61
N ILE A 92 -0.03 18.71 2.19
CA ILE A 92 -0.29 18.42 0.77
C ILE A 92 -1.19 19.51 0.16
N TYR A 93 -2.12 20.03 0.97
CA TYR A 93 -3.09 21.06 0.60
C TYR A 93 -2.43 22.43 0.34
N VAL A 94 -1.45 22.85 1.16
CA VAL A 94 -0.81 24.17 1.03
C VAL A 94 0.41 24.16 0.07
N ASN A 95 1.19 23.06 0.03
CA ASN A 95 2.38 22.97 -0.82
C ASN A 95 1.98 22.71 -2.29
N ARG A 96 2.58 23.49 -3.21
CA ARG A 96 2.36 23.48 -4.66
C ARG A 96 2.83 22.17 -5.33
N ARG A 97 4.00 21.64 -4.91
CA ARG A 97 4.58 20.43 -5.49
C ARG A 97 3.79 19.15 -5.15
N PHE A 98 2.94 19.19 -4.11
CA PHE A 98 2.16 18.02 -3.71
C PHE A 98 0.72 18.03 -4.32
N HIS A 99 0.52 18.74 -5.46
CA HIS A 99 -0.78 18.79 -6.14
C HIS A 99 -0.78 17.83 -7.36
N PHE A 100 -0.52 16.54 -7.06
CA PHE A 100 -0.45 15.45 -8.04
C PHE A 100 -1.35 14.26 -7.64
N PRO A 101 -1.91 13.48 -8.60
CA PRO A 101 -2.82 12.36 -8.25
C PRO A 101 -2.30 11.40 -7.17
N ILE A 102 -0.97 11.16 -7.10
CA ILE A 102 -0.42 10.24 -6.11
C ILE A 102 -0.42 10.85 -4.69
N TYR A 103 -0.14 12.15 -4.54
CA TYR A 103 -0.12 12.81 -3.25
C TYR A 103 -1.54 13.05 -2.71
N TYR A 104 -2.56 13.17 -3.59
CA TYR A 104 -3.96 13.35 -3.17
C TYR A 104 -4.49 12.08 -2.53
N LEU A 105 -4.03 10.91 -3.05
CA LEU A 105 -4.38 9.58 -2.55
C LEU A 105 -3.72 9.30 -1.18
N MET A 106 -2.53 9.92 -0.94
CA MET A 106 -1.79 9.80 0.33
C MET A 106 -2.53 10.55 1.44
N ALA A 107 -3.17 11.68 1.09
CA ALA A 107 -3.96 12.52 2.00
C ALA A 107 -5.24 11.81 2.40
N ASN A 108 -5.82 11.03 1.47
CA ASN A 108 -7.03 10.23 1.68
C ASN A 108 -6.71 9.04 2.60
N LEU A 109 -5.46 8.51 2.50
CA LEU A 109 -4.95 7.41 3.32
C LEU A 109 -4.79 7.91 4.76
N ALA A 110 -4.37 9.19 4.90
CA ALA A 110 -4.23 9.89 6.18
C ALA A 110 -5.60 10.20 6.77
N ALA A 111 -6.59 10.50 5.89
CA ALA A 111 -7.98 10.78 6.26
C ALA A 111 -8.65 9.52 6.78
N ALA A 112 -8.26 8.35 6.21
CA ALA A 112 -8.72 7.02 6.61
C ALA A 112 -8.18 6.67 7.99
N ASP A 113 -6.91 7.07 8.26
CA ASP A 113 -6.25 6.89 9.56
C ASP A 113 -6.85 7.85 10.59
N PHE A 114 -7.25 9.06 10.14
CA PHE A 114 -7.90 10.09 10.96
C PHE A 114 -9.27 9.56 11.42
N PHE A 115 -9.97 8.86 10.52
CA PHE A 115 -11.26 8.22 10.77
C PHE A 115 -11.04 7.02 11.72
N ALA A 116 -9.90 6.31 11.56
CA ALA A 116 -9.51 5.18 12.40
C ALA A 116 -9.20 5.65 13.82
N GLY A 117 -8.60 6.84 13.93
CA GLY A 117 -8.30 7.49 15.18
C GLY A 117 -9.55 7.78 15.99
N LEU A 118 -10.65 8.10 15.28
CA LEU A 118 -11.96 8.36 15.87
C LEU A 118 -12.66 7.03 16.18
N ALA A 119 -12.42 6.00 15.36
CA ALA A 119 -13.00 4.67 15.49
C ALA A 119 -12.44 3.92 16.71
N TYR A 120 -11.10 3.96 16.90
CA TYR A 120 -10.45 3.30 18.03
C TYR A 120 -10.71 4.06 19.35
N PHE A 121 -10.97 5.37 19.27
CA PHE A 121 -11.27 6.26 20.41
C PHE A 121 -12.59 5.82 21.08
N TYR A 122 -13.61 5.52 20.25
CA TYR A 122 -14.93 5.09 20.69
C TYR A 122 -14.86 3.64 21.21
N LEU A 123 -13.90 2.85 20.68
CA LEU A 123 -13.64 1.46 21.07
C LEU A 123 -13.01 1.39 22.47
N MET A 124 -11.96 2.19 22.69
CA MET A 124 -11.22 2.22 23.96
C MET A 124 -12.05 2.82 25.09
N PHE A 125 -13.04 3.67 24.77
CA PHE A 125 -13.90 4.27 25.79
C PHE A 125 -14.98 3.25 26.22
N ASN A 126 -15.17 2.17 25.44
CA ASN A 126 -16.15 1.13 25.71
C ASN A 126 -15.50 -0.27 25.83
N THR A 127 -14.35 -0.36 26.54
CA THR A 127 -13.60 -1.61 26.77
C THR A 127 -13.62 -1.98 28.27
N GLY A 128 -13.55 -3.28 28.60
CA GLY A 128 -13.53 -3.80 29.97
C GLY A 128 -14.86 -3.73 30.69
N PRO A 129 -14.99 -2.88 31.75
CA PRO A 129 -16.27 -2.80 32.47
C PRO A 129 -17.34 -2.01 31.66
N ASN A 130 -16.91 -1.13 30.73
CA ASN A 130 -17.77 -0.30 29.89
C ASN A 130 -18.36 -1.08 28.67
N THR A 131 -17.89 -2.32 28.45
CA THR A 131 -18.35 -3.21 27.38
C THR A 131 -19.77 -3.69 27.68
N ARG A 132 -20.07 -3.91 28.98
CA ARG A 132 -21.36 -4.37 29.49
C ARG A 132 -22.44 -3.31 29.24
N ARG A 133 -22.04 -2.00 29.28
CA ARG A 133 -22.89 -0.83 29.06
C ARG A 133 -23.41 -0.75 27.62
N LEU A 134 -22.68 -1.34 26.66
CA LEU A 134 -23.04 -1.33 25.23
C LEU A 134 -24.28 -2.16 24.92
N THR A 135 -25.13 -1.62 24.04
CA THR A 135 -26.35 -2.27 23.54
C THR A 135 -25.99 -3.00 22.23
N VAL A 136 -26.96 -3.73 21.63
CA VAL A 136 -26.76 -4.48 20.38
C VAL A 136 -26.38 -3.51 19.24
N SER A 137 -27.06 -2.35 19.16
CA SER A 137 -26.84 -1.31 18.14
C SER A 137 -25.47 -0.61 18.31
N THR A 138 -25.11 -0.23 19.55
CA THR A 138 -23.85 0.47 19.86
C THR A 138 -22.63 -0.45 19.71
N TRP A 139 -22.81 -1.78 19.91
CA TRP A 139 -21.72 -2.76 19.73
C TRP A 139 -21.36 -2.84 18.26
N LEU A 140 -22.37 -2.90 17.38
CA LEU A 140 -22.23 -2.95 15.92
C LEU A 140 -21.68 -1.63 15.38
N LEU A 141 -21.89 -0.52 16.12
CA LEU A 141 -21.41 0.80 15.76
C LEU A 141 -19.88 0.86 15.94
N ARG A 142 -19.35 0.52 17.14
CA ARG A 142 -17.91 0.54 17.42
C ARG A 142 -17.16 -0.48 16.55
N GLN A 143 -17.76 -1.65 16.30
CA GLN A 143 -17.17 -2.70 15.48
C GLN A 143 -17.25 -2.31 13.99
N GLY A 144 -18.31 -1.61 13.60
CA GLY A 144 -18.54 -1.17 12.24
C GLY A 144 -17.58 -0.08 11.79
N LEU A 145 -17.31 0.90 12.68
CA LEU A 145 -16.41 2.02 12.41
C LEU A 145 -14.97 1.55 12.19
N ILE A 146 -14.57 0.45 12.87
CA ILE A 146 -13.24 -0.16 12.77
C ILE A 146 -13.14 -0.91 11.43
N ASP A 147 -14.22 -1.63 11.03
CA ASP A 147 -14.27 -2.37 9.77
C ASP A 147 -14.27 -1.42 8.57
N THR A 148 -14.89 -0.23 8.74
CA THR A 148 -14.97 0.83 7.72
C THR A 148 -13.58 1.45 7.54
N SER A 149 -12.87 1.74 8.65
CA SER A 149 -11.55 2.36 8.64
C SER A 149 -10.47 1.47 7.99
N LEU A 150 -10.56 0.13 8.15
CA LEU A 150 -9.59 -0.84 7.60
C LEU A 150 -9.68 -0.83 6.07
N THR A 151 -10.89 -1.13 5.52
CA THR A 151 -11.15 -1.17 4.08
C THR A 151 -10.97 0.21 3.44
N ALA A 152 -11.03 1.30 4.24
CA ALA A 152 -10.77 2.65 3.74
C ALA A 152 -9.30 2.79 3.40
N SER A 153 -8.41 2.22 4.24
CA SER A 153 -6.96 2.22 4.06
C SER A 153 -6.53 1.14 3.08
N VAL A 154 -7.25 -0.01 3.06
CA VAL A 154 -6.97 -1.16 2.19
C VAL A 154 -7.23 -0.75 0.73
N ALA A 155 -8.38 -0.10 0.46
CA ALA A 155 -8.75 0.38 -0.87
C ALA A 155 -7.87 1.55 -1.31
N ASN A 156 -7.41 2.38 -0.35
CA ASN A 156 -6.52 3.52 -0.60
C ASN A 156 -5.16 3.04 -1.09
N LEU A 157 -4.57 2.05 -0.38
CA LEU A 157 -3.28 1.44 -0.74
C LEU A 157 -3.40 0.66 -2.06
N LEU A 158 -4.60 0.09 -2.33
CA LEU A 158 -4.89 -0.63 -3.58
C LEU A 158 -4.92 0.34 -4.75
N ALA A 159 -5.50 1.53 -4.53
CA ALA A 159 -5.59 2.60 -5.53
C ALA A 159 -4.23 3.22 -5.80
N ILE A 160 -3.37 3.31 -4.76
CA ILE A 160 -1.99 3.84 -4.84
C ILE A 160 -1.15 2.86 -5.68
N ALA A 161 -1.37 1.54 -5.47
CA ALA A 161 -0.70 0.45 -6.17
C ALA A 161 -1.00 0.48 -7.68
N ILE A 162 -2.26 0.83 -8.04
CA ILE A 162 -2.71 0.94 -9.42
C ILE A 162 -2.11 2.24 -10.00
N GLU A 163 -2.08 3.32 -9.20
CA GLU A 163 -1.55 4.63 -9.58
C GLU A 163 -0.05 4.55 -9.95
N ARG A 164 0.72 3.75 -9.18
CA ARG A 164 2.15 3.56 -9.45
C ARG A 164 2.35 2.62 -10.65
N HIS A 165 1.40 1.68 -10.87
CA HIS A 165 1.43 0.69 -11.96
C HIS A 165 1.16 1.37 -13.33
N ILE A 166 0.49 2.54 -13.33
CA ILE A 166 0.19 3.30 -14.54
C ILE A 166 1.39 4.23 -14.87
N THR A 167 1.90 5.02 -13.89
CA THR A 167 3.04 5.95 -14.06
C THR A 167 4.34 5.29 -14.59
N VAL A 168 4.58 4.02 -14.22
CA VAL A 168 5.77 3.25 -14.58
C VAL A 168 5.66 2.75 -16.04
N PHE A 169 4.43 2.60 -16.63
CA PHE A 169 4.28 2.19 -18.02
C PHE A 169 4.45 3.43 -18.96
N ARG A 170 4.81 4.60 -18.41
CA ARG A 170 5.14 5.84 -19.12
C ARG A 170 6.33 6.45 -18.36
N MET A 171 6.36 7.76 -18.20
CA MET A 171 7.35 8.45 -17.38
C MET A 171 6.60 9.06 -16.18
N GLN A 172 5.59 9.91 -16.46
CA GLN A 172 4.70 10.57 -15.48
C GLN A 172 3.26 10.55 -15.99
N LEU A 173 2.27 10.56 -15.08
CA LEU A 173 0.85 10.58 -15.44
C LEU A 173 0.16 11.75 -14.77
N HIS A 174 0.12 12.91 -15.46
CA HIS A 174 -0.54 14.10 -14.94
C HIS A 174 -1.00 15.05 -16.06
N THR A 175 -2.31 15.26 -16.08
CA THR A 175 -3.17 16.21 -16.81
C THR A 175 -4.23 16.62 -15.76
N ARG A 176 -5.02 17.67 -16.01
CA ARG A 176 -6.05 18.13 -15.06
C ARG A 176 -7.23 17.13 -14.96
N MET A 177 -7.47 16.35 -16.04
CA MET A 177 -8.56 15.37 -16.09
C MET A 177 -8.36 14.28 -15.03
N SER A 178 -7.10 13.87 -14.72
CA SER A 178 -6.78 12.87 -13.69
C SER A 178 -7.09 13.39 -12.28
N ASN A 179 -6.89 14.72 -12.04
CA ASN A 179 -7.20 15.39 -10.76
C ASN A 179 -8.71 15.28 -10.46
N ARG A 180 -9.56 15.43 -11.51
CA ARG A 180 -11.02 15.31 -11.44
C ARG A 180 -11.41 13.84 -11.27
N ARG A 181 -10.62 12.92 -11.88
CA ARG A 181 -10.81 11.48 -11.80
C ARG A 181 -10.47 10.97 -10.40
N VAL A 182 -9.48 11.60 -9.71
CA VAL A 182 -9.03 11.26 -8.36
C VAL A 182 -10.20 11.45 -7.37
N VAL A 183 -10.97 12.55 -7.54
CA VAL A 183 -12.14 12.87 -6.72
C VAL A 183 -13.15 11.71 -6.79
N VAL A 184 -13.35 11.14 -8.01
CA VAL A 184 -14.23 10.00 -8.29
C VAL A 184 -13.64 8.75 -7.61
N VAL A 185 -12.32 8.54 -7.68
CA VAL A 185 -11.61 7.40 -7.08
C VAL A 185 -11.77 7.46 -5.54
N ILE A 186 -11.61 8.67 -4.92
CA ILE A 186 -11.77 8.90 -3.47
C ILE A 186 -13.19 8.50 -3.05
N VAL A 187 -14.23 8.83 -3.86
CA VAL A 187 -15.63 8.47 -3.62
C VAL A 187 -15.76 6.94 -3.60
N VAL A 188 -15.19 6.23 -4.60
CA VAL A 188 -15.20 4.75 -4.72
C VAL A 188 -14.57 4.10 -3.47
N ILE A 189 -13.42 4.62 -3.00
CA ILE A 189 -12.69 4.14 -1.82
C ILE A 189 -13.56 4.27 -0.56
N TRP A 190 -14.16 5.45 -0.32
CA TRP A 190 -15.01 5.69 0.85
C TRP A 190 -16.35 4.95 0.74
N THR A 191 -16.93 4.82 -0.47
CA THR A 191 -18.20 4.12 -0.70
C THR A 191 -18.01 2.64 -0.36
N MET A 192 -16.89 2.04 -0.81
CA MET A 192 -16.59 0.63 -0.55
C MET A 192 -16.33 0.42 0.95
N ALA A 193 -15.71 1.39 1.64
CA ALA A 193 -15.45 1.36 3.08
C ALA A 193 -16.76 1.36 3.89
N ILE A 194 -17.74 2.22 3.50
CA ILE A 194 -19.05 2.35 4.15
C ILE A 194 -19.84 1.04 3.97
N VAL A 195 -19.85 0.48 2.73
CA VAL A 195 -20.55 -0.76 2.37
C VAL A 195 -19.93 -1.96 3.14
N MET A 196 -18.59 -2.14 3.10
CA MET A 196 -17.87 -3.22 3.81
C MET A 196 -18.06 -3.16 5.32
N GLY A 197 -18.24 -1.94 5.85
CA GLY A 197 -18.48 -1.69 7.27
C GLY A 197 -19.96 -1.72 7.63
N ALA A 198 -20.82 -2.05 6.66
CA ALA A 198 -22.27 -2.16 6.83
C ALA A 198 -22.78 -3.58 6.55
N ILE A 199 -22.04 -4.38 5.74
CA ILE A 199 -22.40 -5.78 5.36
C ILE A 199 -22.77 -6.60 6.65
N PRO A 200 -21.98 -6.60 7.75
CA PRO A 200 -22.40 -7.39 8.93
C PRO A 200 -23.57 -6.76 9.69
N SER A 201 -23.81 -5.45 9.48
CA SER A 201 -24.91 -4.72 10.12
C SER A 201 -26.16 -4.67 9.21
N VAL A 202 -26.16 -5.45 8.10
CA VAL A 202 -27.31 -5.53 7.17
C VAL A 202 -27.78 -7.03 7.06
N GLY A 203 -27.73 -7.77 8.16
CA GLY A 203 -28.16 -9.16 8.16
C GLY A 203 -27.10 -10.22 8.34
N TRP A 204 -25.84 -9.98 7.88
CA TRP A 204 -24.76 -10.97 8.02
C TRP A 204 -24.10 -10.89 9.43
N ASN A 205 -24.86 -11.32 10.45
CA ASN A 205 -24.43 -11.38 11.86
C ASN A 205 -25.12 -12.54 12.58
N CYS A 206 -24.49 -13.08 13.64
CA CYS A 206 -25.02 -14.21 14.40
C CYS A 206 -26.01 -13.76 15.52
N ILE A 207 -26.68 -12.60 15.34
CA ILE A 207 -27.61 -11.96 16.27
C ILE A 207 -28.79 -12.89 16.57
N CYS A 208 -29.46 -13.41 15.54
CA CYS A 208 -30.57 -14.34 15.74
C CYS A 208 -30.21 -15.66 15.02
N ASP A 209 -28.89 -15.95 15.04
CA ASP A 209 -28.18 -17.19 14.63
C ASP A 209 -27.06 -17.41 15.68
N ILE A 210 -27.47 -17.34 16.96
CA ILE A 210 -26.71 -17.43 18.22
C ILE A 210 -25.79 -18.68 18.26
N GLU A 211 -26.12 -19.76 17.52
CA GLU A 211 -25.31 -20.99 17.50
C GLU A 211 -24.04 -20.83 16.66
N ASN A 212 -24.08 -19.97 15.62
CA ASN A 212 -22.95 -19.74 14.72
C ASN A 212 -22.12 -18.51 15.13
N CYS A 213 -21.99 -18.21 16.44
CA CYS A 213 -21.23 -17.05 16.92
C CYS A 213 -19.77 -17.37 17.15
N SER A 214 -18.89 -16.40 16.82
CA SER A 214 -17.44 -16.51 16.99
C SER A 214 -17.03 -16.16 18.43
N ASN A 215 -15.89 -16.75 18.89
CA ASN A 215 -15.33 -16.55 20.23
C ASN A 215 -14.76 -15.14 20.42
N MET A 216 -14.19 -14.55 19.35
CA MET A 216 -13.59 -13.23 19.40
C MET A 216 -14.67 -12.15 19.38
N ALA A 217 -15.55 -12.18 18.37
CA ALA A 217 -16.67 -11.24 18.26
C ALA A 217 -17.99 -11.97 18.53
N PRO A 218 -18.61 -11.77 19.73
CA PRO A 218 -19.82 -12.55 20.07
C PRO A 218 -21.06 -12.18 19.26
N LEU A 219 -21.08 -11.04 18.54
CA LEU A 219 -22.24 -10.62 17.74
C LEU A 219 -21.98 -10.80 16.23
N TYR A 220 -20.75 -11.14 15.82
CA TYR A 220 -20.38 -11.39 14.41
C TYR A 220 -20.36 -12.88 14.11
N SER A 221 -20.85 -13.26 12.91
CA SER A 221 -20.90 -14.65 12.45
C SER A 221 -19.53 -15.15 12.01
N ASP A 222 -19.27 -16.47 12.20
CA ASP A 222 -18.02 -17.13 11.82
C ASP A 222 -17.81 -17.09 10.31
N SER A 223 -18.91 -17.26 9.54
CA SER A 223 -18.93 -17.25 8.06
C SER A 223 -18.48 -15.89 7.52
N TYR A 224 -18.78 -14.80 8.26
CA TYR A 224 -18.40 -13.44 7.88
C TYR A 224 -16.92 -13.21 8.14
N LEU A 225 -16.42 -13.60 9.34
CA LEU A 225 -15.03 -13.40 9.75
C LEU A 225 -14.05 -14.18 8.87
N VAL A 226 -14.42 -15.39 8.40
CA VAL A 226 -13.61 -16.21 7.49
C VAL A 226 -13.53 -15.48 6.13
N PHE A 227 -14.67 -14.92 5.67
CA PHE A 227 -14.80 -14.16 4.43
C PHE A 227 -14.03 -12.84 4.51
N TRP A 228 -14.17 -12.09 5.63
CA TRP A 228 -13.52 -10.79 5.88
C TRP A 228 -11.99 -10.93 5.94
N ALA A 229 -11.48 -11.96 6.64
CA ALA A 229 -10.05 -12.21 6.78
C ALA A 229 -9.42 -12.65 5.45
N ILE A 230 -10.10 -13.54 4.69
CA ILE A 230 -9.57 -14.03 3.42
C ILE A 230 -9.69 -12.93 2.32
N PHE A 231 -10.63 -11.95 2.49
CA PHE A 231 -10.82 -10.85 1.54
C PHE A 231 -9.70 -9.83 1.67
N ASN A 232 -9.32 -9.47 2.92
CA ASN A 232 -8.25 -8.50 3.19
C ASN A 232 -6.88 -9.10 2.91
N LEU A 233 -6.70 -10.42 3.12
CA LEU A 233 -5.41 -11.09 2.88
C LEU A 233 -5.15 -11.30 1.40
N VAL A 234 -6.19 -11.63 0.59
CA VAL A 234 -6.03 -11.82 -0.86
C VAL A 234 -5.72 -10.44 -1.51
N THR A 235 -6.21 -9.34 -0.90
CA THR A 235 -5.96 -7.97 -1.38
C THR A 235 -4.48 -7.63 -1.13
N PHE A 236 -3.90 -8.09 -0.01
CA PHE A 236 -2.49 -7.87 0.33
C PHE A 236 -1.57 -8.62 -0.65
N VAL A 237 -1.98 -9.84 -1.05
CA VAL A 237 -1.24 -10.70 -1.98
C VAL A 237 -1.22 -10.06 -3.39
N VAL A 238 -2.40 -9.65 -3.94
CA VAL A 238 -2.49 -9.03 -5.27
C VAL A 238 -1.76 -7.67 -5.29
N MET A 239 -1.68 -6.96 -4.13
CA MET A 239 -0.94 -5.69 -4.03
C MET A 239 0.56 -5.94 -4.11
N VAL A 240 1.05 -7.03 -3.48
CA VAL A 240 2.47 -7.43 -3.50
C VAL A 240 2.85 -7.77 -4.96
N VAL A 241 1.97 -8.50 -5.68
CA VAL A 241 2.13 -8.89 -7.10
C VAL A 241 2.27 -7.62 -7.97
N LEU A 242 1.46 -6.56 -7.70
CA LEU A 242 1.48 -5.29 -8.42
C LEU A 242 2.86 -4.62 -8.34
N TYR A 243 3.44 -4.50 -7.12
CA TYR A 243 4.76 -3.89 -6.92
C TYR A 243 5.87 -4.80 -7.41
N ALA A 244 5.71 -6.14 -7.26
CA ALA A 244 6.68 -7.13 -7.73
C ALA A 244 6.82 -7.08 -9.25
N HIS A 245 5.71 -6.75 -9.95
CA HIS A 245 5.65 -6.58 -11.41
C HIS A 245 6.39 -5.29 -11.81
N ILE A 246 6.33 -4.25 -10.95
CA ILE A 246 6.97 -2.95 -11.16
C ILE A 246 8.49 -3.12 -10.95
N PHE A 247 8.90 -3.59 -9.76
CA PHE A 247 10.31 -3.80 -9.39
C PHE A 247 11.01 -4.78 -10.33
N GLY A 248 10.30 -5.82 -10.76
CA GLY A 248 10.79 -6.83 -11.69
C GLY A 248 11.10 -6.25 -13.06
N TYR A 249 10.20 -5.36 -13.55
CA TYR A 249 10.34 -4.68 -14.83
C TYR A 249 11.48 -3.64 -14.77
N VAL A 250 11.61 -2.91 -13.64
CA VAL A 250 12.67 -1.90 -13.42
C VAL A 250 14.02 -2.63 -13.42
N ALA A 251 14.07 -3.84 -12.81
CA ALA A 251 15.25 -4.70 -12.75
C ALA A 251 15.72 -5.08 -14.15
N ASP A 252 14.79 -5.47 -15.04
CA ASP A 252 15.08 -5.85 -16.43
C ASP A 252 15.53 -4.65 -17.26
N LEU A 253 15.03 -3.43 -16.95
CA LEU A 253 15.41 -2.20 -17.65
C LEU A 253 16.86 -1.83 -17.34
N GLU A 254 17.19 -1.77 -16.05
CA GLU A 254 18.53 -1.42 -15.54
C GLU A 254 19.56 -2.47 -15.96
N ASP A 255 19.15 -3.76 -16.05
CA ASP A 255 19.98 -4.89 -16.50
C ASP A 255 20.33 -4.72 -17.98
N ASN A 256 19.33 -4.38 -18.81
CA ASN A 256 19.52 -4.17 -20.26
C ASN A 256 20.28 -2.86 -20.49
N TRP A 257 20.14 -1.87 -19.58
CA TRP A 257 20.87 -0.60 -19.63
C TRP A 257 22.32 -0.83 -19.14
N GLU A 258 22.52 -1.85 -18.28
CA GLU A 258 23.83 -2.23 -17.76
C GLU A 258 24.60 -2.94 -18.89
N THR A 259 23.90 -3.86 -19.61
CA THR A 259 24.42 -4.62 -20.77
C THR A 259 24.83 -3.65 -21.89
N LEU A 260 24.06 -2.54 -22.02
CA LEU A 260 24.27 -1.48 -23.00
C LEU A 260 25.60 -0.76 -22.74
N ASN A 261 25.77 -0.19 -21.52
CA ASN A 261 26.95 0.58 -21.13
C ASN A 261 28.20 -0.28 -20.94
N ASP A 262 28.07 -1.53 -20.46
CA ASP A 262 29.24 -2.40 -20.24
C ASP A 262 29.84 -2.90 -21.57
N ASN A 263 29.00 -3.34 -22.54
CA ASN A 263 29.49 -3.82 -23.83
C ASN A 263 29.90 -2.66 -24.75
N LEU A 264 29.53 -1.40 -24.40
CA LEU A 264 29.94 -0.21 -25.13
C LEU A 264 31.44 -0.01 -24.97
N LYS A 265 31.95 -0.22 -23.73
CA LYS A 265 33.35 -0.14 -23.33
C LYS A 265 34.19 -1.22 -24.03
N VAL A 266 33.58 -2.40 -24.26
CA VAL A 266 34.17 -3.58 -24.89
C VAL A 266 34.46 -3.26 -26.38
N ILE A 267 33.49 -2.66 -27.10
CA ILE A 267 33.60 -2.30 -28.52
C ILE A 267 34.68 -1.23 -28.70
N GLU A 268 34.67 -0.18 -27.85
CA GLU A 268 35.63 0.93 -27.86
C GLU A 268 37.09 0.46 -27.88
N LYS A 269 37.40 -0.65 -27.16
CA LYS A 269 38.75 -1.24 -27.09
C LYS A 269 39.16 -1.77 -28.47
N ALA A 270 40.29 -1.25 -29.00
CA ALA A 270 40.86 -1.61 -30.31
C ALA A 270 41.32 -3.07 -30.33
N ASP A 271 40.40 -3.98 -30.73
CA ASP A 271 40.64 -5.42 -30.81
C ASP A 271 40.37 -5.94 -32.24
N ASN A 272 40.06 -7.24 -32.37
CA ASN A 272 39.76 -7.90 -33.65
C ASN A 272 38.27 -7.73 -34.00
N ALA A 273 37.90 -8.10 -35.25
CA ALA A 273 36.54 -8.00 -35.78
C ALA A 273 35.55 -8.91 -35.02
N ALA A 274 35.99 -10.12 -34.61
CA ALA A 274 35.18 -11.11 -33.89
C ALA A 274 34.81 -10.62 -32.48
N GLN A 275 35.69 -9.82 -31.86
CA GLN A 275 35.52 -9.24 -30.53
C GLN A 275 34.39 -8.21 -30.49
N VAL A 276 34.18 -7.51 -31.62
CA VAL A 276 33.18 -6.46 -31.78
C VAL A 276 31.80 -7.07 -32.13
N LYS A 277 31.76 -8.15 -32.93
CA LYS A 277 30.53 -8.84 -33.38
C LYS A 277 29.69 -9.33 -32.20
N ASP A 278 30.28 -10.12 -31.28
CA ASP A 278 29.59 -10.69 -30.11
C ASP A 278 29.12 -9.61 -29.13
N ALA A 279 29.88 -8.50 -29.00
CA ALA A 279 29.52 -7.40 -28.11
C ALA A 279 28.31 -6.66 -28.69
N LEU A 280 28.30 -6.43 -30.03
CA LEU A 280 27.19 -5.80 -30.74
C LEU A 280 25.97 -6.72 -30.80
N THR A 281 26.17 -8.06 -30.73
CA THR A 281 25.07 -9.04 -30.70
C THR A 281 24.42 -8.95 -29.32
N LYS A 282 25.25 -8.75 -28.27
CA LYS A 282 24.80 -8.55 -26.89
C LYS A 282 24.14 -7.19 -26.74
N MET A 283 24.54 -6.19 -27.57
CA MET A 283 23.98 -4.83 -27.61
C MET A 283 22.56 -4.85 -28.17
N ARG A 284 22.36 -5.58 -29.30
CA ARG A 284 21.10 -5.72 -30.03
C ARG A 284 20.06 -6.49 -29.22
N ALA A 285 20.43 -7.67 -28.67
CA ALA A 285 19.58 -8.53 -27.87
C ALA A 285 19.04 -7.81 -26.61
N ALA A 286 19.89 -6.98 -25.97
CA ALA A 286 19.53 -6.21 -24.77
C ALA A 286 18.57 -5.06 -25.10
N ALA A 287 18.67 -4.51 -26.33
CA ALA A 287 17.82 -3.42 -26.80
C ALA A 287 16.40 -3.90 -27.12
N LEU A 288 16.28 -5.08 -27.78
CA LEU A 288 15.00 -5.70 -28.18
C LEU A 288 14.27 -6.28 -26.96
N ASP A 289 15.01 -6.65 -25.90
CA ASP A 289 14.44 -7.17 -24.65
C ASP A 289 13.83 -6.04 -23.85
N ALA A 290 14.52 -4.87 -23.82
CA ALA A 290 14.08 -3.64 -23.14
C ALA A 290 12.89 -2.98 -23.87
N GLN A 291 12.61 -3.41 -25.13
CA GLN A 291 11.50 -2.94 -25.99
C GLN A 291 10.16 -3.41 -25.42
N LYS A 292 10.13 -4.60 -24.76
CA LYS A 292 8.94 -5.16 -24.12
C LYS A 292 8.60 -4.32 -22.85
N ALA A 293 8.03 -3.12 -23.10
CA ALA A 293 7.65 -2.13 -22.10
C ALA A 293 6.24 -2.42 -21.54
N MET A 308 4.71 9.47 -23.78
CA MET A 308 4.92 8.02 -23.93
C MET A 308 5.44 7.69 -25.34
N LYS A 309 4.97 8.42 -26.38
CA LYS A 309 5.35 8.26 -27.79
C LYS A 309 6.86 8.50 -28.01
N ASP A 310 7.41 9.57 -27.38
CA ASP A 310 8.82 9.99 -27.47
C ASP A 310 9.79 8.90 -26.95
N PHE A 311 9.42 8.18 -25.88
CA PHE A 311 10.25 7.13 -25.30
C PHE A 311 10.03 5.79 -26.04
N ARG A 312 8.82 5.57 -26.61
CA ARG A 312 8.48 4.37 -27.37
C ARG A 312 9.30 4.30 -28.67
N HIS A 313 9.46 5.45 -29.35
CA HIS A 313 10.24 5.57 -30.58
C HIS A 313 11.75 5.50 -30.30
N GLY A 314 12.16 5.94 -29.09
CA GLY A 314 13.54 5.96 -28.64
C GLY A 314 14.30 4.65 -28.67
N PHE A 315 13.61 3.52 -28.43
CA PHE A 315 14.22 2.19 -28.41
C PHE A 315 14.64 1.71 -29.81
N ASP A 316 13.75 1.83 -30.82
CA ASP A 316 14.02 1.38 -32.20
C ASP A 316 15.13 2.20 -32.89
N ILE A 317 15.35 3.47 -32.47
CA ILE A 317 16.42 4.32 -33.01
C ILE A 317 17.77 3.70 -32.62
N LEU A 318 17.88 3.20 -31.38
CA LEU A 318 19.06 2.55 -30.82
C LEU A 318 19.31 1.19 -31.48
N VAL A 319 18.25 0.42 -31.81
CA VAL A 319 18.34 -0.91 -32.44
C VAL A 319 18.97 -0.77 -33.84
N GLY A 320 18.54 0.26 -34.58
CA GLY A 320 19.01 0.57 -35.93
C GLY A 320 20.48 0.94 -35.99
N GLN A 321 20.95 1.75 -35.03
CA GLN A 321 22.35 2.20 -34.92
C GLN A 321 23.27 1.02 -34.58
N ILE A 322 22.77 0.05 -33.78
CA ILE A 322 23.50 -1.16 -33.39
C ILE A 322 23.56 -2.12 -34.60
N ASP A 323 22.40 -2.39 -35.24
CA ASP A 323 22.29 -3.31 -36.38
C ASP A 323 23.11 -2.85 -37.60
N ASP A 324 23.22 -1.53 -37.84
CA ASP A 324 24.01 -0.98 -38.94
C ASP A 324 25.51 -1.04 -38.62
N ALA A 325 25.88 -0.94 -37.33
CA ALA A 325 27.27 -1.04 -36.86
C ALA A 325 27.77 -2.48 -36.97
N LEU A 326 26.86 -3.46 -36.80
CA LEU A 326 27.11 -4.90 -36.90
C LEU A 326 27.46 -5.27 -38.35
N LYS A 327 26.77 -4.63 -39.32
CA LYS A 327 26.97 -4.82 -40.77
C LYS A 327 28.38 -4.38 -41.19
N LEU A 328 28.88 -3.28 -40.59
CA LEU A 328 30.23 -2.74 -40.84
C LEU A 328 31.30 -3.72 -40.37
N ALA A 329 31.08 -4.35 -39.19
CA ALA A 329 31.96 -5.33 -38.55
C ALA A 329 31.99 -6.65 -39.34
N ASN A 330 30.85 -7.05 -39.94
CA ASN A 330 30.74 -8.28 -40.73
C ASN A 330 31.51 -8.13 -42.06
N GLU A 331 31.65 -6.89 -42.56
CA GLU A 331 32.38 -6.56 -43.78
C GLU A 331 33.89 -6.68 -43.54
N GLY A 332 34.34 -6.22 -42.38
CA GLY A 332 35.74 -6.22 -41.98
C GLY A 332 36.20 -4.89 -41.44
N LYS A 333 35.35 -3.85 -41.58
CA LYS A 333 35.60 -2.49 -41.13
C LYS A 333 35.42 -2.42 -39.61
N VAL A 334 36.50 -2.69 -38.88
CA VAL A 334 36.51 -2.69 -37.41
C VAL A 334 36.45 -1.23 -36.94
N LYS A 335 37.02 -0.29 -37.72
CA LYS A 335 37.04 1.15 -37.45
C LYS A 335 35.62 1.73 -37.41
N GLU A 336 34.84 1.50 -38.49
CA GLU A 336 33.47 2.00 -38.65
C GLU A 336 32.51 1.43 -37.59
N ALA A 337 32.77 0.19 -37.13
CA ALA A 337 31.98 -0.48 -36.09
C ALA A 337 32.18 0.21 -34.73
N GLN A 338 33.40 0.69 -34.46
CA GLN A 338 33.78 1.40 -33.23
C GLN A 338 33.38 2.88 -33.33
N ALA A 339 33.34 3.44 -34.56
CA ALA A 339 32.95 4.84 -34.84
C ALA A 339 31.45 5.03 -34.65
N ALA A 340 30.65 4.03 -35.06
CA ALA A 340 29.19 4.03 -34.92
C ALA A 340 28.78 3.73 -33.47
N ALA A 341 29.71 3.13 -32.68
CA ALA A 341 29.51 2.83 -31.26
C ALA A 341 29.54 4.13 -30.45
N GLU A 342 30.42 5.07 -30.82
CA GLU A 342 30.53 6.38 -30.17
C GLU A 342 29.34 7.26 -30.59
N GLN A 343 28.73 6.97 -31.75
CA GLN A 343 27.53 7.63 -32.27
C GLN A 343 26.33 7.20 -31.41
N LEU A 344 26.35 5.93 -30.93
CA LEU A 344 25.34 5.35 -30.04
C LEU A 344 25.48 5.96 -28.64
N LYS A 345 26.72 6.30 -28.24
CA LYS A 345 27.05 6.92 -26.95
C LYS A 345 26.44 8.33 -26.86
N THR A 346 26.45 9.08 -27.98
CA THR A 346 25.90 10.45 -28.07
C THR A 346 24.36 10.43 -28.12
N THR A 347 23.75 9.27 -28.45
CA THR A 347 22.29 9.08 -28.53
C THR A 347 21.75 8.70 -27.14
N ARG A 348 22.43 7.78 -26.42
CA ARG A 348 22.03 7.33 -25.09
C ARG A 348 22.24 8.44 -24.05
N ASN A 349 23.22 9.34 -24.27
CA ASN A 349 23.51 10.48 -23.38
C ASN A 349 22.44 11.57 -23.53
N ALA A 350 21.76 11.63 -24.68
CA ALA A 350 20.68 12.59 -24.96
C ALA A 350 19.39 12.20 -24.24
N TYR A 351 19.06 10.89 -24.26
CA TYR A 351 17.88 10.32 -23.61
C TYR A 351 18.08 10.15 -22.10
N ILE A 352 19.35 10.16 -21.62
CA ILE A 352 19.71 10.04 -20.20
C ILE A 352 19.39 11.38 -19.51
N GLN A 353 19.30 12.48 -20.27
CA GLN A 353 18.97 13.81 -19.75
C GLN A 353 17.46 13.97 -19.57
N LYS A 354 16.65 13.33 -20.45
CA LYS A 354 15.19 13.40 -20.48
C LYS A 354 14.53 12.41 -19.49
N TYR A 355 15.14 11.22 -19.25
CA TYR A 355 14.56 10.23 -18.34
C TYR A 355 15.23 10.27 -16.96
N LEU A 356 16.58 10.40 -16.88
CA LEU A 356 17.27 10.48 -15.57
C LEU A 356 17.01 11.84 -14.95
N ARG A 357 17.22 11.92 -13.63
CA ARG A 357 16.89 13.04 -12.74
C ARG A 357 15.39 13.02 -12.49
N ASN A 358 14.60 12.46 -13.43
CA ASN A 358 13.15 12.33 -13.30
C ASN A 358 12.75 10.93 -12.76
N ARG A 359 13.51 9.86 -13.09
CA ARG A 359 13.20 8.50 -12.61
C ARG A 359 13.62 8.33 -11.13
N ASP A 360 14.63 9.10 -10.68
CA ASP A 360 15.15 9.08 -9.31
C ASP A 360 14.11 9.62 -8.34
N THR A 361 13.33 10.64 -8.75
CA THR A 361 12.28 11.25 -7.96
C THR A 361 11.09 10.30 -7.89
N MET A 362 10.87 9.50 -8.96
CA MET A 362 9.80 8.50 -9.06
C MET A 362 10.09 7.28 -8.17
N MET A 363 11.33 6.77 -8.20
CA MET A 363 11.75 5.60 -7.42
C MET A 363 11.85 5.92 -5.90
N SER A 364 12.15 7.20 -5.56
CA SER A 364 12.24 7.69 -4.18
C SER A 364 10.87 7.65 -3.50
N LEU A 365 9.82 7.98 -4.28
CA LEU A 365 8.43 7.98 -3.83
C LEU A 365 7.86 6.56 -3.89
N LEU A 366 8.34 5.74 -4.84
CA LEU A 366 7.91 4.36 -5.02
C LEU A 366 8.33 3.50 -3.80
N LYS A 367 9.58 3.67 -3.33
CA LYS A 367 10.11 2.96 -2.16
C LYS A 367 9.35 3.34 -0.87
N THR A 368 8.98 4.63 -0.73
CA THR A 368 8.27 5.18 0.42
C THR A 368 6.89 4.51 0.55
N VAL A 369 6.21 4.31 -0.60
CA VAL A 369 4.89 3.68 -0.74
C VAL A 369 4.96 2.21 -0.27
N VAL A 370 6.03 1.49 -0.68
CA VAL A 370 6.21 0.07 -0.34
C VAL A 370 6.49 -0.08 1.18
N ILE A 371 7.12 0.93 1.82
CA ILE A 371 7.39 0.94 3.27
C ILE A 371 6.05 1.10 4.02
N VAL A 372 5.15 1.98 3.51
CA VAL A 372 3.82 2.22 4.07
C VAL A 372 2.99 0.93 3.97
N LEU A 373 3.06 0.24 2.80
CA LEU A 373 2.36 -1.01 2.54
C LEU A 373 2.98 -2.18 3.33
N GLY A 374 4.32 -2.19 3.43
CA GLY A 374 5.07 -3.20 4.15
C GLY A 374 4.73 -3.24 5.62
N ALA A 375 4.68 -2.06 6.25
CA ALA A 375 4.34 -1.88 7.68
C ALA A 375 2.90 -2.26 7.95
N PHE A 376 2.01 -2.02 6.95
CA PHE A 376 0.58 -2.33 7.00
C PHE A 376 0.35 -3.84 7.01
N ILE A 377 1.12 -4.61 6.22
CA ILE A 377 0.99 -6.07 6.13
C ILE A 377 1.52 -6.72 7.44
N ILE A 378 2.75 -6.38 7.85
CA ILE A 378 3.45 -6.91 9.04
C ILE A 378 2.60 -6.76 10.33
N CYS A 379 1.78 -5.70 10.48
CA CYS A 379 1.00 -5.49 11.70
C CYS A 379 -0.44 -6.04 11.58
N TRP A 380 -1.08 -5.97 10.39
CA TRP A 380 -2.47 -6.38 10.22
C TRP A 380 -2.64 -7.89 9.99
N THR A 381 -1.65 -8.56 9.36
CA THR A 381 -1.68 -10.01 9.08
C THR A 381 -1.81 -10.85 10.38
N PRO A 382 -1.04 -10.62 11.49
CA PRO A 382 -1.23 -11.47 12.70
C PRO A 382 -2.63 -11.38 13.30
N GLY A 383 -3.26 -10.21 13.16
CA GLY A 383 -4.61 -9.97 13.63
C GLY A 383 -5.68 -10.63 12.78
N LEU A 384 -5.43 -10.70 11.46
CA LEU A 384 -6.34 -11.33 10.49
C LEU A 384 -6.19 -12.85 10.50
N VAL A 385 -4.97 -13.36 10.80
CA VAL A 385 -4.69 -14.81 10.92
C VAL A 385 -5.37 -15.30 12.22
N LEU A 386 -5.42 -14.43 13.24
CA LEU A 386 -6.07 -14.66 14.54
C LEU A 386 -7.58 -14.88 14.35
N LEU A 387 -8.19 -14.16 13.37
CA LEU A 387 -9.61 -14.29 13.03
C LEU A 387 -9.90 -15.66 12.40
N LEU A 388 -8.93 -16.17 11.61
CA LEU A 388 -9.02 -17.48 10.95
C LEU A 388 -8.86 -18.61 11.98
N LEU A 389 -7.92 -18.45 12.94
CA LEU A 389 -7.65 -19.41 14.01
C LEU A 389 -8.76 -19.41 15.08
N ASP A 390 -9.65 -18.38 15.06
CA ASP A 390 -10.77 -18.24 15.97
C ASP A 390 -11.92 -19.19 15.63
N VAL A 391 -12.16 -19.43 14.33
CA VAL A 391 -13.27 -20.26 13.84
C VAL A 391 -12.77 -21.61 13.28
N CYS A 392 -11.51 -21.68 12.75
CA CYS A 392 -10.99 -22.90 12.12
C CYS A 392 -9.99 -23.65 13.06
N CYS A 393 -9.68 -23.09 14.25
CA CYS A 393 -8.76 -23.72 15.19
C CYS A 393 -9.36 -23.71 16.63
N PRO A 394 -10.37 -24.58 16.91
CA PRO A 394 -10.93 -24.62 18.28
C PRO A 394 -10.23 -25.70 19.14
N GLN A 395 -9.67 -25.29 20.31
CA GLN A 395 -8.95 -26.12 21.31
C GLN A 395 -7.44 -26.28 21.02
N CYS A 396 -6.94 -25.84 19.85
CA CYS A 396 -5.51 -26.00 19.52
C CYS A 396 -4.65 -24.90 20.22
N ASP A 397 -5.17 -23.66 20.33
CA ASP A 397 -4.49 -22.50 20.90
C ASP A 397 -5.49 -21.49 21.47
N VAL A 398 -5.16 -20.87 22.62
CA VAL A 398 -6.02 -19.86 23.27
C VAL A 398 -5.79 -18.50 22.56
N LEU A 399 -6.84 -17.66 22.40
CA LEU A 399 -6.69 -16.37 21.73
C LEU A 399 -6.48 -15.27 22.79
N ALA A 400 -5.38 -15.41 23.57
CA ALA A 400 -5.00 -14.49 24.63
C ALA A 400 -4.40 -13.22 24.06
N TYR A 401 -3.54 -13.35 23.02
CA TYR A 401 -2.90 -12.21 22.38
C TYR A 401 -3.87 -11.55 21.43
N GLU A 402 -4.93 -10.92 22.00
CA GLU A 402 -5.89 -10.19 21.19
C GLU A 402 -5.73 -8.69 21.44
N LYS A 403 -5.31 -8.25 22.65
CA LYS A 403 -5.03 -6.85 23.01
C LYS A 403 -3.74 -6.36 22.33
N PHE A 404 -2.75 -7.25 22.18
CA PHE A 404 -1.45 -6.97 21.57
C PHE A 404 -1.55 -6.72 20.05
N PHE A 405 -2.27 -7.59 19.32
CA PHE A 405 -2.46 -7.47 17.87
C PHE A 405 -3.36 -6.28 17.51
N LEU A 406 -4.25 -5.86 18.43
CA LEU A 406 -5.17 -4.73 18.26
C LEU A 406 -4.39 -3.42 18.29
N LEU A 407 -3.45 -3.28 19.26
CA LEU A 407 -2.58 -2.11 19.42
C LEU A 407 -1.56 -2.04 18.28
N LEU A 408 -1.09 -3.21 17.80
CA LEU A 408 -0.11 -3.34 16.72
C LEU A 408 -0.65 -2.73 15.41
N ALA A 409 -1.95 -2.96 15.12
CA ALA A 409 -2.63 -2.42 13.95
C ALA A 409 -3.00 -0.94 14.14
N GLU A 410 -3.26 -0.54 15.39
CA GLU A 410 -3.62 0.83 15.77
C GLU A 410 -2.42 1.78 15.58
N PHE A 411 -1.20 1.31 15.90
CA PHE A 411 0.07 2.05 15.81
C PHE A 411 0.40 2.40 14.35
N ASN A 412 -0.05 1.57 13.39
CA ASN A 412 0.20 1.75 11.95
C ASN A 412 -0.46 3.03 11.42
N SER A 413 -1.62 3.41 11.98
CA SER A 413 -2.33 4.63 11.61
C SER A 413 -1.51 5.89 11.98
N ALA A 414 -0.54 5.74 12.89
CA ALA A 414 0.38 6.78 13.35
C ALA A 414 1.76 6.66 12.65
N MET A 415 2.08 5.46 12.14
CA MET A 415 3.34 5.12 11.47
C MET A 415 3.49 5.81 10.12
N ASN A 416 2.37 5.95 9.35
CA ASN A 416 2.35 6.57 8.01
C ASN A 416 2.97 8.01 8.03
N PRO A 417 2.52 9.01 8.86
CA PRO A 417 3.17 10.34 8.82
C PRO A 417 4.64 10.32 9.27
N ILE A 418 5.03 9.31 10.08
CA ILE A 418 6.41 9.13 10.59
C ILE A 418 7.29 8.68 9.40
N ILE A 419 6.76 7.82 8.50
CA ILE A 419 7.44 7.30 7.31
C ILE A 419 7.72 8.46 6.32
N TYR A 420 6.71 9.30 6.04
CA TYR A 420 6.82 10.45 5.12
C TYR A 420 7.76 11.54 5.67
N SER A 421 7.97 11.58 6.99
CA SER A 421 8.80 12.57 7.67
C SER A 421 10.30 12.34 7.41
N TYR A 422 10.78 11.08 7.35
CA TYR A 422 12.20 10.81 7.15
C TYR A 422 12.52 10.40 5.69
N ARG A 423 11.50 10.01 4.89
CA ARG A 423 11.73 9.60 3.50
C ARG A 423 11.57 10.77 2.52
N ASP A 424 10.44 11.51 2.59
CA ASP A 424 10.19 12.65 1.70
C ASP A 424 10.94 13.87 2.18
N LYS A 425 11.75 14.45 1.28
CA LYS A 425 12.62 15.59 1.53
C LYS A 425 11.84 16.93 1.55
N GLU A 426 10.92 17.14 0.60
CA GLU A 426 10.10 18.36 0.48
C GLU A 426 9.04 18.45 1.60
N MET A 427 8.48 17.29 2.01
CA MET A 427 7.43 17.20 3.04
C MET A 427 8.00 17.50 4.44
N SER A 428 9.26 17.08 4.72
CA SER A 428 9.97 17.30 6.00
C SER A 428 10.17 18.79 6.30
N ALA A 429 10.30 19.65 5.26
CA ALA A 429 10.46 21.10 5.42
C ALA A 429 9.09 21.82 5.57
N THR A 430 8.00 21.18 5.11
CA THR A 430 6.63 21.69 5.18
C THR A 430 6.13 21.56 6.65
N PHE A 431 6.60 20.52 7.37
CA PHE A 431 6.29 20.22 8.78
C PHE A 431 6.80 21.31 9.75
N ARG A 432 7.97 21.91 9.47
CA ARG A 432 8.56 22.99 10.28
C ARG A 432 7.74 24.30 10.16
N GLN A 433 7.08 24.48 9.00
CA GLN A 433 6.25 25.64 8.66
C GLN A 433 4.92 25.66 9.44
N ILE A 434 4.42 24.47 9.86
CA ILE A 434 3.17 24.33 10.58
C ILE A 434 3.31 24.85 12.01
N LEU A 435 4.48 24.71 12.67
CA LEU A 435 4.70 25.17 14.05
C LEU A 435 4.56 26.71 14.16
N GLY A 436 5.03 27.44 13.16
CA GLY A 436 4.95 28.90 13.10
C GLY A 436 3.67 29.40 12.47
O5 ON7 B . -8.55 -6.26 23.54
C28 ON7 B . -9.44 -5.66 22.93
O4 ON7 B . -9.56 -4.27 23.00
C29 ON7 B . -8.69 -3.50 23.78
C25 ON7 B . -10.46 -6.20 22.06
C24 ON7 B . -11.86 -5.87 21.95
C30 ON7 B . -12.66 -4.87 22.73
C31 ON7 B . -13.58 -5.52 23.84
O7 ON7 B . -13.72 -4.85 24.90
O6 ON7 B . -14.12 -6.63 23.62
C23 ON7 B . -12.37 -6.67 20.95
C26 ON7 B . -10.18 -7.17 21.13
N1 ON7 B . -11.34 -7.47 20.45
C13 ON7 B . -11.45 -8.51 19.44
C8 ON7 B . -11.12 -8.14 17.97
C6 ON7 B . -11.96 -6.91 17.42
O2 ON7 B . -13.35 -7.13 17.52
C3 ON7 B . -11.65 -6.63 15.95
C2 ON7 B . -10.82 -5.55 15.65
C5 ON7 B . -12.15 -7.46 14.93
C7 ON7 B . -11.83 -7.18 13.59
O3 ON7 B . -12.32 -7.99 12.57
C11 ON7 B . -13.70 -7.84 12.23
C9 ON7 B . -10.99 -6.09 13.23
C10 ON7 B . -10.63 -5.82 11.81
C1 ON7 B . -10.48 -5.27 14.31
O1 ON7 B . -9.64 -4.23 13.94
C4 ON7 B . -8.37 -4.12 14.49
C12 ON7 B . -9.61 -7.94 17.74
C14 ON7 B . -8.81 -9.10 17.09
C16 ON7 B . -9.17 -9.40 15.60
C18 ON7 B . -8.23 -8.56 14.81
C19 ON7 B . -8.29 -8.20 13.46
C20 ON7 B . -7.33 -7.31 12.94
C21 ON7 B . -6.34 -6.79 13.76
C22 ON7 B . -6.26 -7.16 15.14
C17 ON7 B . -7.20 -8.07 15.64
C15 ON7 B . -7.32 -8.66 17.00
C10 1WV C . -21.25 8.55 8.26
C13 1WV C . -19.97 5.13 9.51
C17 1WV C . -21.29 2.17 10.80
C20 1WV C . -22.88 0.85 12.29
C07 1WV C . -21.83 12.41 8.48
C08 1WV C . -21.99 10.95 8.02
C09 1WV C . -21.04 9.98 8.76
C11 1WV C . -20.36 7.56 9.03
C12 1WV C . -20.72 6.13 8.61
C14 1WV C . -20.35 3.71 9.16
O15 1WV C . -19.82 3.00 8.30
O16 1WV C . -21.44 3.26 9.89
C18 1WV C . -22.70 1.49 10.88
O19 1WV C . -22.76 0.37 10.02
O21 1WV C . -24.19 0.39 12.46
C1 1WV C . -20.53 13.01 7.99
C2 1WV C . -19.91 14.12 8.47
C3 1WV C . -20.37 15.01 9.57
#